data_6FI8
#
_entry.id   6FI8
#
_cell.length_a   138.640
_cell.length_b   138.640
_cell.length_c   117.950
_cell.angle_alpha   90.00
_cell.angle_beta   90.00
_cell.angle_gamma   90.00
#
_symmetry.space_group_name_H-M   'P 41 21 2'
#
loop_
_entity.id
_entity.type
_entity.pdbx_description
1 polymer 'Putative transposase'
2 polymer 'DNA 29-MER (LE29)'
3 polymer "DNA 6-MER (T6')"
4 non-polymer 'CALCIUM ION'
5 water water
#
loop_
_entity_poly.entity_id
_entity_poly.type
_entity_poly.pdbx_seq_one_letter_code
_entity_poly.pdbx_strand_id
1 'polypeptide(L)'
;GSAMASNAVLYKSNHNVVYSCKYHIVWCPKYRRKVLVGAVEMRLKEIIQEVAKELRVEIIEMQTDKDHIHILADIDPSFG
VMKFIKTAKGRSSRILRQEFNHLKTKLPTLWTNSCFISTVGGAPLNVVKQYIENQQNSNRPKQKEKWKSYVDNLQTKAL
;
A,B,G,H
2 'polydeoxyribonucleotide'
;(DA)(DA)(DA)(DG)(DC)(DC)(DC)(DC)(DT)(DA)(DG)(DC)(DT)(DT)(DT)(DT)(DA)(DG)(DC)(DT)
(DA)(DT)(DG)(DG)(DG)(DG)(DA)(DT)(DA)
;
C,D,I,J
3 'polydeoxyribonucleotide' (DA)(DT)(DT)(DA)(DC)(DC) E,F,K,L
#
loop_
_chem_comp.id
_chem_comp.type
_chem_comp.name
_chem_comp.formula
CA non-polymer 'CALCIUM ION' 'Ca 2'
DA DNA linking 2'-DEOXYADENOSINE-5'-MONOPHOSPHATE 'C10 H14 N5 O6 P'
DC DNA linking 2'-DEOXYCYTIDINE-5'-MONOPHOSPHATE 'C9 H14 N3 O7 P'
DG DNA linking 2'-DEOXYGUANOSINE-5'-MONOPHOSPHATE 'C10 H14 N5 O7 P'
DT DNA linking THYMIDINE-5'-MONOPHOSPHATE 'C10 H15 N2 O8 P'
#
# COMPACT_ATOMS: atom_id res chain seq x y z
N LEU A 10 -29.00 -0.77 -28.53
CA LEU A 10 -29.80 0.30 -27.95
C LEU A 10 -29.18 0.78 -26.65
N TYR A 11 -28.59 1.99 -26.69
CA TYR A 11 -27.85 2.52 -25.55
C TYR A 11 -28.31 3.93 -25.21
N LYS A 12 -28.42 4.20 -23.92
CA LYS A 12 -28.64 5.55 -23.42
C LYS A 12 -27.29 6.21 -23.13
N SER A 13 -27.34 7.46 -22.70
CA SER A 13 -26.13 8.15 -22.30
C SER A 13 -26.48 9.30 -21.37
N ASN A 14 -25.56 9.59 -20.46
CA ASN A 14 -25.64 10.86 -19.74
C ASN A 14 -24.60 11.79 -20.34
N HIS A 15 -24.06 12.71 -19.54
CA HIS A 15 -23.10 13.67 -20.08
C HIS A 15 -21.81 12.98 -20.51
N ASN A 16 -21.36 11.99 -19.74
CA ASN A 16 -20.07 11.39 -19.97
C ASN A 16 -20.10 9.91 -20.26
N VAL A 17 -21.16 9.19 -19.88
CA VAL A 17 -21.18 7.73 -19.97
C VAL A 17 -22.23 7.30 -21.00
N VAL A 18 -21.82 6.45 -21.93
CA VAL A 18 -22.74 5.68 -22.76
C VAL A 18 -22.94 4.33 -22.09
N TYR A 19 -24.20 3.94 -21.87
CA TYR A 19 -24.43 2.80 -21.00
C TYR A 19 -25.67 2.03 -21.40
N SER A 20 -25.72 0.79 -20.89
CA SER A 20 -26.92 -0.05 -20.86
C SER A 20 -26.81 -0.81 -19.54
N CYS A 21 -27.41 -0.26 -18.49
CA CYS A 21 -27.32 -0.82 -17.13
C CYS A 21 -28.70 -1.29 -16.71
N LYS A 22 -29.00 -2.55 -17.02
CA LYS A 22 -30.29 -3.17 -16.71
C LYS A 22 -30.13 -4.14 -15.54
N TYR A 23 -31.01 -4.04 -14.56
CA TYR A 23 -30.91 -4.81 -13.32
C TYR A 23 -32.19 -5.60 -13.09
N HIS A 24 -32.04 -6.87 -12.74
CA HIS A 24 -33.14 -7.65 -12.20
C HIS A 24 -33.15 -7.49 -10.69
N ILE A 25 -34.20 -6.86 -10.16
CA ILE A 25 -34.28 -6.52 -8.74
C ILE A 25 -35.43 -7.30 -8.10
N VAL A 26 -35.15 -7.91 -6.96
CA VAL A 26 -36.16 -8.65 -6.20
C VAL A 26 -36.00 -8.31 -4.72
N TRP A 27 -37.09 -7.89 -4.07
CA TRP A 27 -37.11 -7.72 -2.63
C TRP A 27 -38.45 -8.20 -2.09
N CYS A 28 -38.47 -8.52 -0.81
CA CYS A 28 -39.61 -9.13 -0.15
C CYS A 28 -40.08 -8.29 1.02
N PRO A 29 -41.33 -8.43 1.44
CA PRO A 29 -41.81 -7.72 2.63
C PRO A 29 -41.17 -8.29 3.88
N LYS A 30 -41.25 -7.50 4.97
CA LYS A 30 -40.80 -7.97 6.26
C LYS A 30 -41.50 -9.27 6.62
N TYR A 31 -40.73 -10.23 7.16
CA TYR A 31 -41.21 -11.55 7.54
C TYR A 31 -41.78 -12.33 6.36
N ARG A 32 -41.52 -11.88 5.14
CA ARG A 32 -42.00 -12.52 3.90
C ARG A 32 -43.52 -12.71 3.93
N ARG A 33 -44.22 -11.70 4.44
CA ARG A 33 -45.68 -11.76 4.46
C ARG A 33 -46.24 -11.73 3.04
N LYS A 34 -47.35 -12.45 2.85
CA LYS A 34 -48.00 -12.53 1.55
C LYS A 34 -48.94 -11.33 1.35
N VAL A 35 -48.40 -10.13 1.53
CA VAL A 35 -49.22 -8.91 1.50
C VAL A 35 -49.23 -8.23 0.14
N LEU A 36 -48.36 -8.62 -0.79
CA LEU A 36 -48.28 -7.97 -2.09
C LEU A 36 -49.35 -8.54 -3.04
N VAL A 37 -50.61 -8.38 -2.63
CA VAL A 37 -51.76 -8.81 -3.41
C VAL A 37 -52.82 -7.70 -3.35
N GLY A 38 -53.84 -7.86 -4.18
CA GLY A 38 -55.01 -6.98 -4.10
C GLY A 38 -54.67 -5.53 -4.34
N ALA A 39 -55.28 -4.66 -3.52
CA ALA A 39 -55.07 -3.22 -3.68
C ALA A 39 -53.64 -2.82 -3.36
N VAL A 40 -52.99 -3.52 -2.42
CA VAL A 40 -51.60 -3.19 -2.09
C VAL A 40 -50.70 -3.41 -3.28
N GLU A 41 -50.91 -4.52 -4.01
CA GLU A 41 -50.09 -4.81 -5.19
C GLU A 41 -50.20 -3.70 -6.22
N MET A 42 -51.44 -3.35 -6.61
CA MET A 42 -51.62 -2.33 -7.63
C MET A 42 -51.09 -0.98 -7.17
N ARG A 43 -51.29 -0.65 -5.90
CA ARG A 43 -50.80 0.63 -5.38
C ARG A 43 -49.28 0.63 -5.26
N LEU A 44 -48.67 -0.52 -4.97
CA LEU A 44 -47.22 -0.62 -4.94
C LEU A 44 -46.63 -0.35 -6.32
N LYS A 45 -47.24 -0.92 -7.37
CA LYS A 45 -46.73 -0.73 -8.71
C LYS A 45 -46.83 0.74 -9.15
N GLU A 46 -47.93 1.41 -8.77
CA GLU A 46 -48.07 2.82 -9.10
C GLU A 46 -46.97 3.66 -8.47
N ILE A 47 -46.66 3.41 -7.20
CA ILE A 47 -45.64 4.19 -6.49
C ILE A 47 -44.28 3.97 -7.13
N ILE A 48 -43.95 2.72 -7.47
CA ILE A 48 -42.66 2.41 -8.09
C ILE A 48 -42.58 3.08 -9.46
N GLN A 49 -43.65 2.96 -10.26
CA GLN A 49 -43.69 3.64 -11.55
C GLN A 49 -43.51 5.15 -11.40
N GLU A 50 -44.12 5.72 -10.36
CA GLU A 50 -43.97 7.15 -10.11
C GLU A 50 -42.55 7.49 -9.68
N VAL A 51 -41.93 6.63 -8.88
CA VAL A 51 -40.55 6.86 -8.46
C VAL A 51 -39.60 6.77 -9.64
N ALA A 52 -39.80 5.76 -10.50
CA ALA A 52 -38.91 5.58 -11.65
C ALA A 52 -38.97 6.78 -12.58
N LYS A 53 -40.19 7.25 -12.89
CA LYS A 53 -40.34 8.42 -13.73
C LYS A 53 -39.62 9.64 -13.14
N GLU A 54 -39.79 9.85 -11.83
CA GLU A 54 -39.17 10.99 -11.18
C GLU A 54 -37.65 10.87 -11.13
N LEU A 55 -37.14 9.64 -11.09
CA LEU A 55 -35.70 9.39 -10.95
C LEU A 55 -35.04 9.01 -12.27
N ARG A 56 -35.74 9.15 -13.39
CA ARG A 56 -35.21 8.85 -14.73
C ARG A 56 -34.81 7.38 -14.87
N VAL A 57 -35.56 6.49 -14.22
CA VAL A 57 -35.36 5.05 -14.34
C VAL A 57 -36.42 4.50 -15.28
N GLU A 58 -36.02 3.61 -16.18
CA GLU A 58 -36.94 2.98 -17.12
C GLU A 58 -37.34 1.61 -16.57
N ILE A 59 -38.60 1.47 -16.20
CA ILE A 59 -39.13 0.17 -15.78
C ILE A 59 -39.41 -0.65 -17.04
N ILE A 60 -38.55 -1.62 -17.32
CA ILE A 60 -38.77 -2.49 -18.47
C ILE A 60 -39.84 -3.52 -18.18
N GLU A 61 -39.79 -4.11 -16.98
CA GLU A 61 -40.85 -5.02 -16.52
C GLU A 61 -40.90 -4.97 -15.00
N MET A 62 -42.10 -5.17 -14.48
CA MET A 62 -42.31 -5.24 -13.04
C MET A 62 -43.54 -6.08 -12.76
N GLN A 63 -43.43 -6.99 -11.80
CA GLN A 63 -44.55 -7.86 -11.44
C GLN A 63 -44.34 -8.40 -10.05
N THR A 64 -45.39 -8.35 -9.24
CA THR A 64 -45.36 -8.94 -7.91
C THR A 64 -45.67 -10.43 -7.99
N ASP A 65 -45.23 -11.15 -6.96
CA ASP A 65 -45.51 -12.58 -6.83
C ASP A 65 -45.81 -12.88 -5.37
N LYS A 66 -46.88 -12.25 -4.86
CA LYS A 66 -47.48 -12.54 -3.56
C LYS A 66 -46.62 -12.06 -2.39
N ASP A 67 -45.41 -12.59 -2.24
CA ASP A 67 -44.54 -12.22 -1.12
C ASP A 67 -43.18 -11.72 -1.59
N HIS A 68 -43.11 -11.21 -2.82
CA HIS A 68 -41.91 -10.57 -3.37
C HIS A 68 -42.29 -9.90 -4.68
N ILE A 69 -41.40 -9.03 -5.16
CA ILE A 69 -41.64 -8.28 -6.39
C ILE A 69 -40.40 -8.38 -7.26
N HIS A 70 -40.64 -8.56 -8.57
CA HIS A 70 -39.58 -8.54 -9.56
C HIS A 70 -39.61 -7.19 -10.26
N ILE A 71 -38.44 -6.59 -10.46
CA ILE A 71 -38.31 -5.36 -11.24
C ILE A 71 -37.15 -5.53 -12.20
N LEU A 72 -37.38 -5.19 -13.47
CA LEU A 72 -36.33 -5.10 -14.48
C LEU A 72 -36.21 -3.63 -14.87
N ALA A 73 -35.11 -3.00 -14.45
CA ALA A 73 -34.96 -1.55 -14.56
C ALA A 73 -33.63 -1.19 -15.18
N ASP A 74 -33.65 -0.18 -16.05
CA ASP A 74 -32.45 0.40 -16.63
C ASP A 74 -32.13 1.68 -15.85
N ILE A 75 -30.98 1.70 -15.20
CA ILE A 75 -30.63 2.75 -14.25
C ILE A 75 -29.31 3.37 -14.66
N ASP A 76 -29.23 4.69 -14.56
CA ASP A 76 -27.98 5.41 -14.81
C ASP A 76 -26.90 4.90 -13.87
N PRO A 77 -25.77 4.39 -14.38
CA PRO A 77 -24.75 3.84 -13.48
C PRO A 77 -24.14 4.88 -12.55
N SER A 78 -24.08 6.14 -12.96
CA SER A 78 -23.57 7.18 -12.07
C SER A 78 -24.60 7.52 -11.01
N PHE A 79 -25.88 7.50 -11.36
CA PHE A 79 -26.93 7.72 -10.37
C PHE A 79 -26.89 6.65 -9.29
N GLY A 80 -26.77 5.39 -9.68
CA GLY A 80 -26.65 4.30 -8.75
C GLY A 80 -27.93 3.49 -8.63
N VAL A 81 -27.77 2.16 -8.61
CA VAL A 81 -28.93 1.29 -8.49
C VAL A 81 -29.49 1.32 -7.08
N MET A 82 -28.63 1.47 -6.07
CA MET A 82 -29.10 1.46 -4.69
C MET A 82 -29.90 2.71 -4.36
N LYS A 83 -29.62 3.83 -5.04
CA LYS A 83 -30.40 5.04 -4.79
C LYS A 83 -31.83 4.87 -5.28
N PHE A 84 -32.02 4.24 -6.44
CA PHE A 84 -33.37 3.94 -6.90
C PHE A 84 -34.05 2.94 -5.98
N ILE A 85 -33.31 1.95 -5.50
CA ILE A 85 -33.90 0.94 -4.62
C ILE A 85 -34.30 1.55 -3.28
N LYS A 86 -33.39 2.32 -2.68
CA LYS A 86 -33.71 3.00 -1.43
C LYS A 86 -34.93 3.90 -1.58
N THR A 87 -35.05 4.58 -2.72
CA THR A 87 -36.19 5.47 -2.94
C THR A 87 -37.46 4.68 -3.18
N ALA A 88 -37.39 3.62 -3.98
CA ALA A 88 -38.57 2.82 -4.26
C ALA A 88 -39.09 2.16 -2.99
N LYS A 89 -38.23 1.41 -2.29
CA LYS A 89 -38.66 0.76 -1.06
C LYS A 89 -39.02 1.77 0.01
N GLY A 90 -38.24 2.84 0.12
CA GLY A 90 -38.48 3.80 1.20
C GLY A 90 -39.81 4.52 1.06
N ARG A 91 -40.07 5.09 -0.11
CA ARG A 91 -41.31 5.84 -0.30
C ARG A 91 -42.53 4.92 -0.29
N SER A 92 -42.43 3.77 -0.97
CA SER A 92 -43.55 2.83 -0.99
C SER A 92 -43.91 2.38 0.42
N SER A 93 -42.91 2.18 1.27
CA SER A 93 -43.19 1.81 2.66
C SER A 93 -43.96 2.92 3.36
N ARG A 94 -43.53 4.17 3.17
CA ARG A 94 -44.19 5.29 3.83
C ARG A 94 -45.64 5.42 3.37
N ILE A 95 -45.87 5.34 2.06
CA ILE A 95 -47.21 5.60 1.54
C ILE A 95 -48.13 4.41 1.77
N LEU A 96 -47.65 3.19 1.51
CA LEU A 96 -48.51 2.02 1.68
C LEU A 96 -48.90 1.83 3.14
N ARG A 97 -47.98 2.11 4.07
CA ARG A 97 -48.33 2.04 5.49
C ARG A 97 -49.22 3.20 5.91
N GLN A 98 -49.20 4.31 5.16
CA GLN A 98 -50.16 5.37 5.42
C GLN A 98 -51.54 5.04 4.87
N GLU A 99 -51.61 4.27 3.77
CA GLU A 99 -52.87 3.96 3.14
C GLU A 99 -53.46 2.62 3.55
N PHE A 100 -52.66 1.72 4.13
CA PHE A 100 -53.11 0.39 4.49
C PHE A 100 -52.68 0.10 5.93
N ASN A 101 -53.65 0.07 6.85
CA ASN A 101 -53.34 -0.07 8.26
C ASN A 101 -52.80 -1.45 8.60
N HIS A 102 -53.22 -2.49 7.86
CA HIS A 102 -52.74 -3.83 8.14
C HIS A 102 -51.26 -4.01 7.82
N LEU A 103 -50.66 -3.08 7.07
CA LEU A 103 -49.23 -3.08 6.82
C LEU A 103 -48.43 -2.53 7.99
N LYS A 104 -49.10 -2.03 9.02
CA LYS A 104 -48.46 -1.66 10.27
C LYS A 104 -48.76 -2.63 11.39
N THR A 105 -49.62 -3.62 11.16
CA THR A 105 -50.02 -4.58 12.19
C THR A 105 -48.96 -5.66 12.32
N LYS A 106 -48.32 -5.71 13.49
CA LYS A 106 -47.22 -6.66 13.76
C LYS A 106 -46.16 -6.57 12.66
N LEU A 107 -45.93 -5.37 12.18
CA LEU A 107 -44.94 -5.10 11.12
C LEU A 107 -44.18 -3.84 11.51
N PRO A 108 -42.99 -3.97 12.08
CA PRO A 108 -42.21 -2.76 12.41
C PRO A 108 -41.87 -1.94 11.19
N THR A 109 -41.60 -2.59 10.07
CA THR A 109 -41.40 -1.95 8.78
C THR A 109 -42.13 -2.76 7.72
N LEU A 110 -42.29 -2.18 6.53
CA LEU A 110 -42.89 -2.93 5.44
C LEU A 110 -41.88 -3.84 4.77
N TRP A 111 -40.68 -3.32 4.52
CA TRP A 111 -39.64 -4.06 3.83
C TRP A 111 -38.57 -4.53 4.80
N THR A 112 -37.65 -5.32 4.28
CA THR A 112 -36.44 -5.69 5.01
C THR A 112 -35.30 -4.78 4.56
N ASN A 113 -34.16 -4.92 5.23
CA ASN A 113 -32.94 -4.22 4.86
C ASN A 113 -32.26 -4.81 3.64
N SER A 114 -32.83 -5.84 3.03
CA SER A 114 -32.13 -6.64 2.04
C SER A 114 -32.89 -6.67 0.72
N CYS A 115 -32.20 -7.12 -0.31
CA CYS A 115 -32.75 -7.25 -1.67
C CYS A 115 -31.79 -8.08 -2.50
N PHE A 116 -32.26 -8.50 -3.67
CA PHE A 116 -31.48 -9.27 -4.63
C PHE A 116 -31.34 -8.46 -5.91
N ILE A 117 -30.12 -8.39 -6.44
CA ILE A 117 -29.81 -7.64 -7.65
C ILE A 117 -29.02 -8.53 -8.59
N SER A 118 -29.36 -8.50 -9.88
CA SER A 118 -28.63 -9.27 -10.88
C SER A 118 -28.62 -8.49 -12.18
N THR A 119 -27.42 -8.24 -12.72
CA THR A 119 -27.32 -7.50 -13.96
C THR A 119 -27.82 -8.32 -15.13
N VAL A 120 -28.42 -7.63 -16.10
CA VAL A 120 -28.99 -8.26 -17.29
C VAL A 120 -28.56 -7.48 -18.51
N GLY A 121 -28.18 -8.19 -19.57
CA GLY A 121 -27.90 -7.58 -20.84
C GLY A 121 -28.68 -8.28 -21.94
N GLY A 122 -28.60 -7.71 -23.15
CA GLY A 122 -29.22 -8.36 -24.29
C GLY A 122 -28.57 -9.69 -24.61
N ALA A 123 -27.24 -9.72 -24.60
CA ALA A 123 -26.51 -10.96 -24.81
C ALA A 123 -26.19 -11.61 -23.47
N PRO A 124 -26.24 -12.93 -23.38
CA PRO A 124 -25.89 -13.61 -22.13
C PRO A 124 -24.39 -13.54 -21.86
N LEU A 125 -24.01 -14.00 -20.66
CA LEU A 125 -22.64 -13.85 -20.21
C LEU A 125 -21.66 -14.68 -21.05
N ASN A 126 -22.09 -15.86 -21.50
CA ASN A 126 -21.18 -16.69 -22.30
C ASN A 126 -20.91 -16.08 -23.67
N VAL A 127 -21.83 -15.26 -24.17
CA VAL A 127 -21.62 -14.59 -25.46
C VAL A 127 -20.72 -13.37 -25.30
N VAL A 128 -20.93 -12.60 -24.23
CA VAL A 128 -20.15 -11.38 -24.03
C VAL A 128 -18.69 -11.71 -23.72
N LYS A 129 -18.43 -12.83 -23.03
CA LYS A 129 -17.05 -13.24 -22.81
C LYS A 129 -16.33 -13.55 -24.11
N GLN A 130 -17.07 -13.89 -25.18
CA GLN A 130 -16.45 -14.08 -26.48
C GLN A 130 -15.99 -12.77 -27.10
N TYR A 131 -16.59 -11.64 -26.69
CA TYR A 131 -16.14 -10.35 -27.21
C TYR A 131 -14.71 -10.05 -26.79
N ILE A 132 -14.27 -10.62 -25.68
CA ILE A 132 -13.01 -10.26 -25.03
C ILE A 132 -12.08 -11.46 -25.03
N GLU A 133 -10.87 -11.26 -25.54
CA GLU A 133 -9.81 -12.26 -25.42
C GLU A 133 -9.06 -11.97 -24.12
N ASN A 134 -9.39 -12.72 -23.08
CA ASN A 134 -8.89 -12.41 -21.74
C ASN A 134 -7.37 -12.51 -21.67
N GLN A 135 -6.74 -11.46 -21.18
CA GLN A 135 -5.31 -11.44 -20.90
C GLN A 135 -5.02 -11.55 -19.41
N GLN A 136 -6.06 -11.67 -18.58
CA GLN A 136 -5.96 -11.83 -17.13
C GLN A 136 -4.81 -11.07 -16.48
N LEU B 10 -23.68 -18.33 -9.18
CA LEU B 10 -22.71 -17.93 -8.15
C LEU B 10 -22.91 -16.47 -7.77
N TYR B 11 -23.51 -16.22 -6.61
CA TYR B 11 -23.80 -14.89 -6.15
C TYR B 11 -22.90 -14.52 -4.98
N LYS B 12 -22.58 -13.24 -4.89
CA LYS B 12 -21.91 -12.67 -3.73
C LYS B 12 -22.91 -11.96 -2.85
N SER B 13 -22.42 -11.42 -1.73
CA SER B 13 -23.28 -10.69 -0.82
C SER B 13 -22.44 -9.75 0.03
N ASN B 14 -22.94 -8.53 0.22
CA ASN B 14 -22.40 -7.69 1.27
C ASN B 14 -23.27 -7.83 2.51
N HIS B 15 -23.36 -6.78 3.31
CA HIS B 15 -24.12 -6.88 4.55
C HIS B 15 -25.62 -7.00 4.28
N ASN B 16 -26.11 -6.38 3.22
CA ASN B 16 -27.55 -6.34 2.98
C ASN B 16 -27.98 -6.82 1.60
N VAL B 17 -27.09 -6.93 0.63
CA VAL B 17 -27.49 -7.20 -0.75
C VAL B 17 -26.86 -8.51 -1.20
N VAL B 18 -27.66 -9.39 -1.80
CA VAL B 18 -27.18 -10.53 -2.54
C VAL B 18 -27.22 -10.17 -4.02
N TYR B 19 -26.06 -10.24 -4.68
CA TYR B 19 -25.95 -9.62 -5.99
C TYR B 19 -25.10 -10.45 -6.93
N SER B 20 -25.31 -10.21 -8.22
CA SER B 20 -24.37 -10.57 -9.28
C SER B 20 -24.39 -9.40 -10.26
N CYS B 21 -23.39 -8.54 -10.18
CA CYS B 21 -23.35 -7.30 -10.95
C CYS B 21 -22.10 -7.30 -11.83
N LYS B 22 -22.25 -7.77 -13.07
CA LYS B 22 -21.16 -7.83 -14.02
C LYS B 22 -21.32 -6.73 -15.07
N TYR B 23 -20.21 -6.03 -15.35
CA TYR B 23 -20.22 -4.91 -16.27
C TYR B 23 -19.15 -5.12 -17.35
N HIS B 24 -19.54 -4.99 -18.61
CA HIS B 24 -18.59 -4.88 -19.71
C HIS B 24 -18.22 -3.41 -19.86
N ILE B 25 -16.99 -3.07 -19.48
CA ILE B 25 -16.53 -1.68 -19.46
C ILE B 25 -15.49 -1.51 -20.56
N VAL B 26 -15.63 -0.44 -21.34
CA VAL B 26 -14.68 -0.10 -22.40
C VAL B 26 -14.40 1.40 -22.32
N TRP B 27 -13.12 1.77 -22.34
CA TRP B 27 -12.73 3.17 -22.48
C TRP B 27 -11.46 3.25 -23.30
N CYS B 28 -11.23 4.42 -23.88
CA CYS B 28 -10.16 4.66 -24.85
C CYS B 28 -9.27 5.80 -24.40
N PRO B 29 -8.02 5.82 -24.84
CA PRO B 29 -7.14 6.96 -24.54
C PRO B 29 -7.60 8.22 -25.27
N LYS B 30 -7.06 9.35 -24.80
CA LYS B 30 -7.36 10.64 -25.42
C LYS B 30 -7.03 10.60 -26.90
N TYR B 31 -7.91 11.18 -27.72
CA TYR B 31 -7.78 11.24 -29.17
C TYR B 31 -7.78 9.86 -29.82
N ARG B 32 -8.14 8.82 -29.07
CA ARG B 32 -8.07 7.43 -29.51
C ARG B 32 -6.68 7.06 -30.03
N ARG B 33 -5.63 7.62 -29.41
CA ARG B 33 -4.27 7.26 -29.79
C ARG B 33 -3.99 5.80 -29.42
N LYS B 34 -3.34 5.09 -30.34
CA LYS B 34 -2.98 3.69 -30.12
C LYS B 34 -1.76 3.59 -29.20
N VAL B 35 -1.92 4.11 -27.97
CA VAL B 35 -0.81 4.15 -27.02
C VAL B 35 -0.79 2.97 -26.07
N LEU B 36 -1.81 2.12 -26.08
CA LEU B 36 -1.89 1.00 -25.14
C LEU B 36 -1.17 -0.23 -25.71
N VAL B 37 0.14 -0.06 -25.90
CA VAL B 37 1.01 -1.11 -26.43
C VAL B 37 2.29 -1.12 -25.60
N GLY B 38 3.07 -2.19 -25.77
CA GLY B 38 4.37 -2.26 -25.13
C GLY B 38 4.28 -2.21 -23.63
N ALA B 39 5.25 -1.51 -23.02
CA ALA B 39 5.30 -1.42 -21.57
C ALA B 39 4.09 -0.68 -21.01
N VAL B 40 3.54 0.26 -21.77
CA VAL B 40 2.35 0.97 -21.31
C VAL B 40 1.19 0.00 -21.13
N GLU B 41 1.06 -0.97 -22.04
CA GLU B 41 -0.01 -1.95 -21.94
C GLU B 41 0.15 -2.81 -20.69
N MET B 42 1.35 -3.37 -20.48
CA MET B 42 1.58 -4.26 -19.35
C MET B 42 1.44 -3.49 -18.03
N ARG B 43 1.99 -2.28 -17.96
CA ARG B 43 1.92 -1.51 -16.73
C ARG B 43 0.48 -1.09 -16.42
N LEU B 44 -0.28 -0.78 -17.46
CA LEU B 44 -1.69 -0.40 -17.27
C LEU B 44 -2.47 -1.53 -16.62
N LYS B 45 -2.30 -2.74 -17.12
CA LYS B 45 -3.03 -3.87 -16.54
C LYS B 45 -2.53 -4.20 -15.14
N GLU B 46 -1.25 -3.93 -14.85
CA GLU B 46 -0.75 -4.08 -13.49
C GLU B 46 -1.50 -3.16 -12.53
N ILE B 47 -1.70 -1.91 -12.93
CA ILE B 47 -2.30 -0.92 -12.03
C ILE B 47 -3.77 -1.23 -11.80
N ILE B 48 -4.48 -1.65 -12.84
CA ILE B 48 -5.91 -1.97 -12.69
C ILE B 48 -6.09 -3.21 -11.83
N GLN B 49 -5.18 -4.17 -11.93
CA GLN B 49 -5.23 -5.31 -11.01
C GLN B 49 -5.09 -4.87 -9.57
N GLU B 50 -4.16 -3.94 -9.30
CA GLU B 50 -4.00 -3.40 -7.96
C GLU B 50 -5.27 -2.68 -7.51
N VAL B 51 -5.86 -1.89 -8.41
CA VAL B 51 -7.08 -1.16 -8.06
C VAL B 51 -8.22 -2.14 -7.79
N ALA B 52 -8.33 -3.20 -8.59
CA ALA B 52 -9.40 -4.17 -8.41
C ALA B 52 -9.27 -4.88 -7.07
N LYS B 53 -8.08 -5.40 -6.77
CA LYS B 53 -7.86 -6.07 -5.48
C LYS B 53 -8.12 -5.12 -4.32
N GLU B 54 -7.65 -3.88 -4.43
CA GLU B 54 -7.81 -2.90 -3.36
C GLU B 54 -9.26 -2.50 -3.16
N LEU B 55 -10.08 -2.56 -4.21
CA LEU B 55 -11.46 -2.11 -4.17
C LEU B 55 -12.46 -3.26 -4.18
N ARG B 56 -12.00 -4.48 -3.93
CA ARG B 56 -12.84 -5.68 -3.86
C ARG B 56 -13.61 -5.92 -5.17
N VAL B 57 -13.03 -5.54 -6.29
CA VAL B 57 -13.63 -5.75 -7.61
C VAL B 57 -13.01 -6.99 -8.24
N GLU B 58 -13.86 -7.88 -8.75
CA GLU B 58 -13.39 -9.08 -9.42
C GLU B 58 -13.27 -8.82 -10.91
N ILE B 59 -12.05 -8.98 -11.44
CA ILE B 59 -11.81 -8.81 -12.87
C ILE B 59 -12.00 -10.18 -13.52
N ILE B 60 -13.13 -10.37 -14.18
CA ILE B 60 -13.39 -11.63 -14.88
C ILE B 60 -12.51 -11.73 -16.11
N GLU B 61 -12.53 -10.71 -16.96
CA GLU B 61 -11.67 -10.65 -18.13
C GLU B 61 -11.23 -9.21 -18.37
N MET B 62 -10.00 -9.05 -18.85
CA MET B 62 -9.46 -7.74 -19.19
C MET B 62 -8.57 -7.89 -20.41
N GLN B 63 -8.78 -7.02 -21.39
CA GLN B 63 -7.98 -7.03 -22.61
C GLN B 63 -7.77 -5.60 -23.11
N THR B 64 -6.52 -5.28 -23.40
CA THR B 64 -6.18 -4.03 -24.08
C THR B 64 -5.92 -4.32 -25.56
N ASP B 65 -6.24 -3.35 -26.41
CA ASP B 65 -6.04 -3.49 -27.84
C ASP B 65 -5.71 -2.13 -28.42
N LYS B 66 -4.49 -1.66 -28.13
CA LYS B 66 -3.89 -0.48 -28.74
C LYS B 66 -4.63 0.82 -28.38
N ASP B 67 -5.92 0.92 -28.74
CA ASP B 67 -6.63 2.18 -28.58
C ASP B 67 -7.89 2.05 -27.71
N HIS B 68 -8.03 0.95 -26.97
CA HIS B 68 -9.17 0.76 -26.09
C HIS B 68 -8.86 -0.42 -25.17
N ILE B 69 -9.57 -0.48 -24.04
CA ILE B 69 -9.43 -1.57 -23.08
C ILE B 69 -10.81 -2.13 -22.77
N HIS B 70 -10.95 -3.45 -22.87
CA HIS B 70 -12.14 -4.15 -22.40
C HIS B 70 -11.92 -4.62 -20.98
N ILE B 71 -12.95 -4.45 -20.14
CA ILE B 71 -12.94 -4.99 -18.79
C ILE B 71 -14.30 -5.60 -18.51
N LEU B 72 -14.33 -6.89 -18.21
CA LEU B 72 -15.51 -7.57 -17.68
C LEU B 72 -15.28 -7.77 -16.19
N ALA B 73 -16.09 -7.10 -15.37
CA ALA B 73 -15.82 -7.04 -13.94
C ALA B 73 -17.12 -7.20 -13.16
N ASP B 74 -17.01 -7.83 -11.99
CA ASP B 74 -18.10 -7.95 -11.03
C ASP B 74 -17.88 -6.93 -9.92
N ILE B 75 -18.81 -6.01 -9.76
CA ILE B 75 -18.66 -4.87 -8.86
C ILE B 75 -19.82 -4.84 -7.88
N ASP B 76 -19.52 -4.63 -6.61
CA ASP B 76 -20.53 -4.45 -5.58
C ASP B 76 -21.50 -3.34 -5.98
N PRO B 77 -22.79 -3.60 -6.08
CA PRO B 77 -23.71 -2.57 -6.58
C PRO B 77 -23.82 -1.37 -5.65
N SER B 78 -23.64 -1.58 -4.34
CA SER B 78 -23.62 -0.45 -3.42
C SER B 78 -22.35 0.36 -3.58
N PHE B 79 -21.23 -0.30 -3.88
CA PHE B 79 -19.97 0.41 -4.10
C PHE B 79 -20.05 1.29 -5.33
N GLY B 80 -20.62 0.78 -6.43
CA GLY B 80 -20.81 1.57 -7.62
C GLY B 80 -19.78 1.32 -8.70
N VAL B 81 -20.25 1.04 -9.92
CA VAL B 81 -19.35 0.80 -11.04
C VAL B 81 -18.51 2.04 -11.33
N MET B 82 -19.05 3.23 -11.08
CA MET B 82 -18.34 4.46 -11.40
C MET B 82 -17.15 4.70 -10.48
N LYS B 83 -17.25 4.29 -9.21
CA LYS B 83 -16.13 4.49 -8.31
C LYS B 83 -14.94 3.61 -8.69
N PHE B 84 -15.21 2.44 -9.27
CA PHE B 84 -14.11 1.63 -9.79
C PHE B 84 -13.50 2.27 -11.03
N ILE B 85 -14.35 2.71 -11.96
CA ILE B 85 -13.84 3.32 -13.20
C ILE B 85 -13.07 4.58 -12.89
N LYS B 86 -13.59 5.40 -11.97
CA LYS B 86 -12.90 6.64 -11.61
C LYS B 86 -11.51 6.35 -11.05
N THR B 87 -11.40 5.32 -10.20
CA THR B 87 -10.10 4.99 -9.60
C THR B 87 -9.18 4.35 -10.63
N ALA B 88 -9.70 3.39 -11.40
CA ALA B 88 -8.87 2.70 -12.39
C ALA B 88 -8.32 3.69 -13.42
N LYS B 89 -9.17 4.56 -13.95
CA LYS B 89 -8.72 5.54 -14.92
C LYS B 89 -7.85 6.61 -14.26
N GLY B 90 -8.29 7.12 -13.11
CA GLY B 90 -7.57 8.22 -12.48
C GLY B 90 -6.18 7.84 -12.04
N ARG B 91 -6.05 6.71 -11.35
CA ARG B 91 -4.73 6.30 -10.86
C ARG B 91 -3.81 5.87 -11.99
N SER B 92 -4.33 5.11 -12.96
CA SER B 92 -3.49 4.69 -14.09
C SER B 92 -3.01 5.90 -14.89
N SER B 93 -3.86 6.92 -15.03
CA SER B 93 -3.43 8.13 -15.72
C SER B 93 -2.31 8.83 -14.96
N ARG B 94 -2.44 8.90 -13.64
CA ARG B 94 -1.42 9.58 -12.82
C ARG B 94 -0.08 8.86 -12.89
N ILE B 95 -0.10 7.53 -12.74
CA ILE B 95 1.14 6.77 -12.65
C ILE B 95 1.81 6.67 -14.01
N LEU B 96 1.06 6.28 -15.04
CA LEU B 96 1.66 6.08 -16.36
C LEU B 96 2.24 7.36 -16.93
N ARG B 97 1.64 8.51 -16.61
CA ARG B 97 2.18 9.78 -17.06
C ARG B 97 3.41 10.21 -16.29
N GLN B 98 3.64 9.64 -15.10
CA GLN B 98 4.92 9.83 -14.42
C GLN B 98 6.01 8.92 -14.99
N GLU B 99 5.64 7.73 -15.44
CA GLU B 99 6.60 6.72 -15.86
C GLU B 99 6.83 6.69 -17.37
N PHE B 100 5.99 7.36 -18.16
CA PHE B 100 6.15 7.42 -19.60
C PHE B 100 6.06 8.89 -20.03
N ASN B 101 7.20 9.47 -20.39
CA ASN B 101 7.22 10.90 -20.73
C ASN B 101 6.34 11.21 -21.94
N HIS B 102 6.24 10.29 -22.90
CA HIS B 102 5.44 10.55 -24.09
C HIS B 102 3.95 10.65 -23.78
N LEU B 103 3.51 10.04 -22.69
CA LEU B 103 2.11 10.17 -22.29
C LEU B 103 1.82 11.48 -21.58
N LYS B 104 2.83 12.11 -21.00
CA LYS B 104 2.64 13.38 -20.30
C LYS B 104 2.86 14.58 -21.20
N THR B 105 3.64 14.42 -22.26
CA THR B 105 4.02 15.56 -23.10
C THR B 105 3.25 15.64 -24.40
N LYS B 106 2.71 14.52 -24.87
CA LYS B 106 1.97 14.50 -26.12
C LYS B 106 0.45 14.48 -25.91
N LEU B 107 -0.01 14.50 -24.66
CA LEU B 107 -1.43 14.43 -24.36
C LEU B 107 -1.73 15.32 -23.16
N PRO B 108 -2.87 16.03 -23.17
CA PRO B 108 -3.26 16.77 -21.96
C PRO B 108 -3.64 15.85 -20.81
N THR B 109 -4.36 14.77 -21.12
CA THR B 109 -4.69 13.73 -20.16
C THR B 109 -4.51 12.39 -20.87
N LEU B 110 -4.42 11.31 -20.08
CA LEU B 110 -4.28 10.00 -20.68
C LEU B 110 -5.62 9.49 -21.23
N TRP B 111 -6.70 9.71 -20.49
CA TRP B 111 -8.01 9.22 -20.87
C TRP B 111 -8.94 10.38 -21.23
N THR B 112 -10.09 10.03 -21.76
CA THR B 112 -11.18 10.97 -21.94
C THR B 112 -12.04 10.99 -20.68
N ASN B 113 -13.03 11.86 -20.67
CA ASN B 113 -14.02 11.91 -19.61
C ASN B 113 -15.10 10.86 -19.76
N SER B 114 -14.99 9.99 -20.76
CA SER B 114 -16.09 9.12 -21.17
C SER B 114 -15.70 7.65 -21.05
N CYS B 115 -16.72 6.81 -21.06
CA CYS B 115 -16.54 5.36 -21.02
C CYS B 115 -17.82 4.70 -21.51
N PHE B 116 -17.76 3.38 -21.66
CA PHE B 116 -18.89 2.57 -22.09
C PHE B 116 -19.15 1.49 -21.03
N ILE B 117 -20.40 1.35 -20.63
CA ILE B 117 -20.78 0.43 -19.56
C ILE B 117 -21.98 -0.38 -20.03
N SER B 118 -21.86 -1.70 -20.03
CA SER B 118 -22.94 -2.57 -20.49
C SER B 118 -23.08 -3.73 -19.51
N THR B 119 -24.19 -3.78 -18.79
CA THR B 119 -24.42 -4.87 -17.85
C THR B 119 -24.66 -6.18 -18.59
N VAL B 120 -24.42 -7.28 -17.87
CA VAL B 120 -24.57 -8.61 -18.45
C VAL B 120 -24.82 -9.61 -17.32
N GLY B 121 -25.65 -10.61 -17.61
CA GLY B 121 -25.91 -11.68 -16.68
C GLY B 121 -25.99 -13.03 -17.36
N GLY B 122 -26.52 -14.03 -16.67
CA GLY B 122 -26.58 -15.36 -17.26
C GLY B 122 -27.58 -15.46 -18.38
N ALA B 123 -28.78 -14.90 -18.19
CA ALA B 123 -29.83 -15.02 -19.19
C ALA B 123 -29.87 -13.80 -20.10
N PRO B 124 -30.37 -13.96 -21.33
CA PRO B 124 -30.55 -12.79 -22.20
C PRO B 124 -31.68 -11.91 -21.70
N LEU B 125 -31.69 -10.67 -22.19
CA LEU B 125 -32.68 -9.69 -21.73
C LEU B 125 -34.10 -10.15 -22.04
N ASN B 126 -34.33 -10.66 -23.25
CA ASN B 126 -35.68 -11.05 -23.64
C ASN B 126 -36.20 -12.22 -22.81
N VAL B 127 -35.29 -13.06 -22.29
CA VAL B 127 -35.71 -14.18 -21.47
C VAL B 127 -36.09 -13.71 -20.07
N VAL B 128 -35.30 -12.80 -19.50
CA VAL B 128 -35.65 -12.24 -18.20
C VAL B 128 -36.97 -11.47 -18.30
N LYS B 129 -37.18 -10.78 -19.42
CA LYS B 129 -38.39 -9.98 -19.59
C LYS B 129 -39.64 -10.86 -19.60
N GLN B 130 -39.62 -11.92 -20.41
CA GLN B 130 -40.73 -12.87 -20.42
C GLN B 130 -40.91 -13.50 -19.05
N TYR B 131 -39.80 -13.80 -18.37
CA TYR B 131 -39.85 -14.47 -17.08
C TYR B 131 -40.53 -13.60 -16.02
N ILE B 132 -40.26 -12.30 -16.03
CA ILE B 132 -40.87 -11.40 -15.07
C ILE B 132 -42.34 -11.17 -15.41
N GLU B 133 -42.66 -11.08 -16.70
CA GLU B 133 -44.04 -10.79 -17.12
C GLU B 133 -45.00 -11.92 -16.76
N ASN B 134 -44.52 -13.17 -16.80
CA ASN B 134 -45.37 -14.33 -16.55
C ASN B 134 -45.36 -14.79 -15.11
N GLN B 135 -45.03 -13.90 -14.16
CA GLN B 135 -44.90 -14.31 -12.77
C GLN B 135 -46.25 -14.69 -12.15
N GLN B 136 -47.31 -13.97 -12.47
CA GLN B 136 -48.61 -14.23 -11.86
C GLN B 136 -49.40 -15.28 -12.60
N ASN B 137 -48.71 -16.13 -13.37
CA ASN B 137 -49.21 -17.31 -14.10
C ASN B 137 -49.30 -17.07 -15.60
N LEU G 10 38.12 -9.64 15.77
CA LEU G 10 37.88 -8.69 14.69
C LEU G 10 36.41 -8.27 14.64
N TYR G 11 35.56 -9.09 15.27
CA TYR G 11 34.14 -8.79 15.36
C TYR G 11 33.67 -9.02 16.79
N LYS G 12 32.70 -8.20 17.21
CA LYS G 12 32.02 -8.38 18.47
C LYS G 12 30.72 -9.14 18.23
N SER G 13 30.00 -9.44 19.31
CA SER G 13 28.72 -10.12 19.19
C SER G 13 27.91 -9.92 20.46
N ASN G 14 26.62 -9.61 20.28
CA ASN G 14 25.70 -9.70 21.41
C ASN G 14 25.01 -11.06 21.38
N HIS G 15 23.81 -11.15 21.96
CA HIS G 15 23.10 -12.42 21.97
C HIS G 15 22.78 -12.91 20.57
N ASN G 16 22.47 -12.01 19.64
CA ASN G 16 21.97 -12.40 18.35
C ASN G 16 22.75 -11.89 17.16
N VAL G 17 23.58 -10.87 17.30
CA VAL G 17 24.22 -10.21 16.16
C VAL G 17 25.72 -10.32 16.29
N VAL G 18 26.38 -10.75 15.21
CA VAL G 18 27.82 -10.58 15.04
C VAL G 18 28.03 -9.30 14.25
N TYR G 19 28.76 -8.35 14.83
CA TYR G 19 28.77 -7.02 14.26
C TYR G 19 30.15 -6.39 14.32
N SER G 20 30.37 -5.45 13.40
CA SER G 20 31.41 -4.43 13.49
C SER G 20 30.76 -3.13 13.05
N CYS G 21 30.41 -2.29 14.02
CA CYS G 21 29.66 -1.06 13.75
C CYS G 21 30.47 0.12 14.27
N LYS G 22 31.30 0.70 13.40
CA LYS G 22 32.16 1.81 13.73
C LYS G 22 31.64 3.08 13.08
N TYR G 23 31.60 4.17 13.84
CA TYR G 23 31.05 5.44 13.37
C TYR G 23 32.04 6.57 13.60
N HIS G 24 32.14 7.45 12.62
CA HIS G 24 32.83 8.72 12.79
C HIS G 24 31.77 9.76 13.16
N ILE G 25 31.82 10.24 14.39
CA ILE G 25 30.82 11.15 14.94
C ILE G 25 31.47 12.50 15.17
N VAL G 26 30.79 13.57 14.75
CA VAL G 26 31.23 14.94 14.96
C VAL G 26 30.03 15.78 15.40
N TRP G 27 30.18 16.52 16.48
CA TRP G 27 29.19 17.51 16.87
C TRP G 27 29.91 18.75 17.42
N CYS G 28 29.16 19.85 17.49
CA CYS G 28 29.74 21.14 17.80
C CYS G 28 28.98 21.80 18.94
N PRO G 29 29.63 22.69 19.68
CA PRO G 29 28.91 23.45 20.71
C PRO G 29 27.89 24.38 20.10
N LYS G 30 26.93 24.78 20.93
CA LYS G 30 25.92 25.76 20.52
C LYS G 30 26.60 27.02 20.00
N TYR G 31 26.08 27.55 18.88
CA TYR G 31 26.60 28.74 18.21
C TYR G 31 28.02 28.56 17.71
N ARG G 32 28.50 27.31 17.66
CA ARG G 32 29.88 26.99 17.26
C ARG G 32 30.89 27.79 18.07
N ARG G 33 30.61 27.98 19.35
CA ARG G 33 31.54 28.68 20.22
C ARG G 33 32.81 27.86 20.42
N LYS G 34 33.96 28.53 20.38
CA LYS G 34 35.25 27.88 20.54
C LYS G 34 35.55 27.64 22.03
N VAL G 35 34.70 26.83 22.65
CA VAL G 35 34.76 26.63 24.09
C VAL G 35 35.46 25.33 24.48
N LEU G 36 35.69 24.41 23.55
CA LEU G 36 36.32 23.13 23.86
C LEU G 36 37.84 23.31 23.92
N VAL G 37 38.27 24.03 24.97
CA VAL G 37 39.68 24.33 25.19
C VAL G 37 39.97 24.18 26.68
N GLY G 38 41.27 24.04 26.99
CA GLY G 38 41.71 24.05 28.37
C GLY G 38 41.05 22.97 29.20
N ALA G 39 40.59 23.35 30.40
CA ALA G 39 39.99 22.39 31.31
C ALA G 39 38.69 21.82 30.76
N VAL G 40 37.94 22.62 30.00
CA VAL G 40 36.68 22.14 29.44
C VAL G 40 36.93 21.00 28.46
N GLU G 41 37.98 21.12 27.65
CA GLU G 41 38.32 20.06 26.71
C GLU G 41 38.70 18.77 27.44
N MET G 42 39.54 18.90 28.48
CA MET G 42 40.00 17.70 29.18
C MET G 42 38.87 17.06 29.99
N ARG G 43 38.00 17.88 30.58
CA ARG G 43 36.86 17.34 31.30
C ARG G 43 35.86 16.68 30.36
N LEU G 44 35.68 17.27 29.17
CA LEU G 44 34.75 16.68 28.20
C LEU G 44 35.20 15.30 27.78
N LYS G 45 36.48 15.15 27.42
CA LYS G 45 36.99 13.84 27.02
C LYS G 45 36.87 12.83 28.15
N GLU G 46 37.05 13.30 29.39
CA GLU G 46 36.90 12.39 30.53
C GLU G 46 35.47 11.91 30.66
N ILE G 47 34.50 12.81 30.50
CA ILE G 47 33.10 12.44 30.62
C ILE G 47 32.71 11.46 29.52
N ILE G 48 33.20 11.68 28.29
CA ILE G 48 32.88 10.78 27.19
C ILE G 48 33.43 9.38 27.48
N GLN G 49 34.70 9.30 27.91
CA GLN G 49 35.29 8.01 28.26
C GLN G 49 34.46 7.28 29.29
N GLU G 50 33.96 8.01 30.29
CA GLU G 50 33.12 7.40 31.32
C GLU G 50 31.80 6.90 30.72
N VAL G 51 31.19 7.70 29.83
CA VAL G 51 29.94 7.30 29.20
C VAL G 51 30.16 6.07 28.33
N ALA G 52 31.26 6.04 27.57
CA ALA G 52 31.53 4.91 26.69
C ALA G 52 31.73 3.64 27.49
N LYS G 53 32.54 3.69 28.54
CA LYS G 53 32.76 2.51 29.38
C LYS G 53 31.47 2.05 30.03
N GLU G 54 30.65 2.98 30.51
CA GLU G 54 29.38 2.61 31.13
C GLU G 54 28.41 2.02 30.11
N LEU G 55 28.52 2.42 28.85
CA LEU G 55 27.59 1.99 27.81
C LEU G 55 28.15 0.91 26.91
N ARG G 56 29.27 0.29 27.28
CA ARG G 56 29.90 -0.79 26.50
C ARG G 56 30.25 -0.33 25.09
N VAL G 57 30.66 0.93 24.96
CA VAL G 57 31.09 1.49 23.68
C VAL G 57 32.60 1.58 23.67
N GLU G 58 33.22 1.18 22.57
CA GLU G 58 34.67 1.27 22.40
C GLU G 58 35.01 2.55 21.67
N ILE G 59 35.84 3.38 22.29
CA ILE G 59 36.34 4.59 21.66
C ILE G 59 37.65 4.24 20.96
N ILE G 60 37.61 4.19 19.63
CA ILE G 60 38.81 3.92 18.85
C ILE G 60 39.69 5.16 18.78
N GLU G 61 39.08 6.34 18.63
CA GLU G 61 39.82 7.59 18.53
C GLU G 61 38.90 8.72 18.94
N MET G 62 39.47 9.73 19.60
CA MET G 62 38.69 10.91 20.00
C MET G 62 39.63 12.10 20.11
N GLN G 63 39.35 13.14 19.34
CA GLN G 63 40.11 14.38 19.41
C GLN G 63 39.13 15.55 19.41
N THR G 64 39.51 16.61 20.12
CA THR G 64 38.70 17.81 20.22
C THR G 64 39.42 18.99 19.58
N ASP G 65 38.67 19.81 18.87
CA ASP G 65 39.12 21.14 18.49
C ASP G 65 38.29 22.16 19.25
N LYS G 66 38.57 23.45 18.99
CA LYS G 66 37.91 24.51 19.73
C LYS G 66 36.40 24.44 19.58
N ASP G 67 35.92 24.14 18.37
CA ASP G 67 34.51 24.22 18.07
C ASP G 67 33.90 22.91 17.60
N HIS G 68 34.58 21.78 17.76
CA HIS G 68 33.99 20.49 17.41
C HIS G 68 34.79 19.38 18.07
N ILE G 69 34.21 18.18 18.06
CA ILE G 69 34.83 16.99 18.63
C ILE G 69 34.67 15.84 17.65
N HIS G 70 35.74 15.08 17.41
CA HIS G 70 35.70 13.86 16.64
C HIS G 70 35.64 12.67 17.58
N ILE G 71 34.73 11.74 17.31
CA ILE G 71 34.67 10.47 18.03
C ILE G 71 34.59 9.35 16.99
N LEU G 72 35.50 8.39 17.11
CA LEU G 72 35.49 7.18 16.29
C LEU G 72 35.19 6.01 17.22
N ALA G 73 33.96 5.51 17.15
CA ALA G 73 33.45 4.60 18.17
C ALA G 73 32.85 3.34 17.54
N ASP G 74 33.02 2.21 18.23
CA ASP G 74 32.36 0.97 17.87
C ASP G 74 31.18 0.77 18.82
N ILE G 75 29.96 0.75 18.26
CA ILE G 75 28.74 0.76 19.05
C ILE G 75 27.88 -0.43 18.65
N ASP G 76 27.26 -1.07 19.64
CA ASP G 76 26.32 -2.16 19.38
C ASP G 76 25.20 -1.67 18.48
N PRO G 77 24.93 -2.35 17.36
CA PRO G 77 23.88 -1.86 16.45
C PRO G 77 22.49 -1.97 17.04
N SER G 78 22.27 -2.92 17.95
CA SER G 78 20.98 -3.01 18.63
C SER G 78 20.84 -1.93 19.70
N PHE G 79 21.95 -1.60 20.38
CA PHE G 79 21.92 -0.49 21.32
C PHE G 79 21.62 0.83 20.61
N GLY G 80 22.32 1.08 19.50
CA GLY G 80 22.07 2.28 18.72
C GLY G 80 23.11 3.36 18.92
N VAL G 81 23.59 3.92 17.81
CA VAL G 81 24.58 5.00 17.88
C VAL G 81 23.95 6.24 18.50
N MET G 82 22.69 6.51 18.18
CA MET G 82 22.02 7.69 18.71
C MET G 82 21.85 7.61 20.22
N LYS G 83 21.70 6.39 20.76
CA LYS G 83 21.62 6.23 22.21
C LYS G 83 22.92 6.66 22.87
N PHE G 84 24.06 6.31 22.27
CA PHE G 84 25.34 6.75 22.80
C PHE G 84 25.52 8.26 22.65
N ILE G 85 25.17 8.80 21.48
CA ILE G 85 25.31 10.23 21.24
C ILE G 85 24.42 11.02 22.19
N LYS G 86 23.19 10.54 22.40
CA LYS G 86 22.28 11.21 23.33
C LYS G 86 22.85 11.23 24.73
N THR G 87 23.46 10.13 25.17
CA THR G 87 24.02 10.08 26.51
C THR G 87 25.29 10.91 26.61
N ALA G 88 26.17 10.76 25.63
CA ALA G 88 27.45 11.48 25.66
C ALA G 88 27.24 12.99 25.66
N LYS G 89 26.31 13.49 24.84
CA LYS G 89 26.06 14.92 24.79
C LYS G 89 25.24 15.39 25.99
N GLY G 90 24.16 14.68 26.31
CA GLY G 90 23.28 15.13 27.37
C GLY G 90 23.96 15.18 28.72
N ARG G 91 24.73 14.13 29.06
CA ARG G 91 25.39 14.12 30.36
C ARG G 91 26.54 15.12 30.40
N SER G 92 27.35 15.18 29.34
CA SER G 92 28.46 16.13 29.32
C SER G 92 27.95 17.56 29.43
N SER G 93 26.80 17.85 28.81
CA SER G 93 26.23 19.18 28.94
C SER G 93 25.78 19.46 30.37
N ARG G 94 25.16 18.47 31.03
CA ARG G 94 24.72 18.64 32.40
C ARG G 94 25.91 18.85 33.34
N ILE G 95 27.00 18.10 33.14
CA ILE G 95 28.14 18.20 34.04
C ILE G 95 28.96 19.44 33.75
N LEU G 96 29.22 19.72 32.46
CA LEU G 96 30.09 20.84 32.12
C LEU G 96 29.45 22.17 32.47
N ARG G 97 28.13 22.29 32.31
CA ARG G 97 27.45 23.52 32.70
C ARG G 97 27.36 23.66 34.21
N GLN G 98 27.41 22.56 34.96
CA GLN G 98 27.53 22.64 36.41
C GLN G 98 28.91 23.11 36.84
N GLU G 99 29.97 22.58 36.21
CA GLU G 99 31.33 22.84 36.65
C GLU G 99 31.93 24.10 36.06
N PHE G 100 31.45 24.56 34.92
CA PHE G 100 31.94 25.77 34.28
C PHE G 100 30.77 26.73 34.08
N ASN G 101 30.75 27.81 34.85
N ASN G 101 30.76 27.81 34.86
CA ASN G 101 29.61 28.72 34.85
CA ASN G 101 29.61 28.71 34.86
C ASN G 101 29.44 29.42 33.52
C ASN G 101 29.44 29.43 33.53
N HIS G 102 30.54 29.70 32.81
CA HIS G 102 30.44 30.41 31.54
C HIS G 102 29.76 29.58 30.47
N LEU G 103 29.72 28.26 30.61
CA LEU G 103 28.94 27.41 29.70
C LEU G 103 27.45 27.47 30.01
N LYS G 104 27.08 27.83 31.25
CA LYS G 104 25.68 27.92 31.63
C LYS G 104 25.09 29.30 31.41
N THR G 105 25.91 30.35 31.44
CA THR G 105 25.41 31.72 31.38
C THR G 105 25.37 32.28 29.97
N LYS G 106 26.41 32.08 29.17
CA LYS G 106 26.48 32.65 27.84
C LYS G 106 25.91 31.74 26.76
N LEU G 107 25.30 30.62 27.15
CA LEU G 107 24.71 29.67 26.22
C LEU G 107 23.40 29.15 26.79
N PRO G 108 22.39 28.94 25.94
CA PRO G 108 21.14 28.31 26.43
C PRO G 108 21.32 26.83 26.66
N THR G 109 22.11 26.20 25.78
CA THR G 109 22.53 24.82 25.93
C THR G 109 24.00 24.74 25.54
N LEU G 110 24.67 23.68 25.98
CA LEU G 110 26.06 23.49 25.56
C LEU G 110 26.13 22.98 24.12
N TRP G 111 25.26 22.05 23.76
CA TRP G 111 25.26 21.43 22.44
C TRP G 111 24.03 21.87 21.64
N THR G 112 24.07 21.57 20.35
CA THR G 112 22.92 21.74 19.48
C THR G 112 22.14 20.44 19.42
N ASN G 113 21.05 20.45 18.66
CA ASN G 113 20.24 19.26 18.43
C ASN G 113 20.81 18.37 17.34
N SER G 114 21.96 18.71 16.76
CA SER G 114 22.43 18.09 15.53
C SER G 114 23.80 17.46 15.72
N CYS G 115 24.16 16.62 14.76
CA CYS G 115 25.46 15.96 14.72
C CYS G 115 25.70 15.40 13.32
N PHE G 116 26.92 14.92 13.11
CA PHE G 116 27.34 14.28 11.87
C PHE G 116 27.78 12.86 12.17
N ILE G 117 27.32 11.90 11.36
CA ILE G 117 27.63 10.49 11.55
C ILE G 117 28.06 9.91 10.21
N SER G 118 29.13 9.14 10.21
CA SER G 118 29.61 8.48 9.00
C SER G 118 30.17 7.12 9.37
N THR G 119 29.56 6.06 8.84
CA THR G 119 30.05 4.72 9.11
C THR G 119 31.42 4.50 8.49
N VAL G 120 32.20 3.62 9.11
CA VAL G 120 33.53 3.29 8.62
C VAL G 120 33.82 1.84 8.99
N GLY G 121 34.49 1.12 8.10
CA GLY G 121 34.91 -0.25 8.35
C GLY G 121 36.39 -0.42 8.08
N GLY G 122 36.84 -1.67 8.25
CA GLY G 122 38.23 -1.98 7.96
C GLY G 122 38.60 -1.80 6.50
N ALA G 123 37.67 -2.10 5.60
CA ALA G 123 37.87 -1.95 4.17
C ALA G 123 37.05 -0.78 3.63
N PRO G 124 37.51 -0.10 2.59
CA PRO G 124 36.73 1.00 2.01
C PRO G 124 35.48 0.47 1.32
N LEU G 125 34.67 1.43 0.85
CA LEU G 125 33.36 1.08 0.29
C LEU G 125 33.49 0.32 -1.02
N ASN G 126 34.45 0.71 -1.87
CA ASN G 126 34.61 0.04 -3.16
C ASN G 126 35.21 -1.35 -3.03
N VAL G 127 35.91 -1.64 -1.94
CA VAL G 127 36.39 -2.99 -1.70
C VAL G 127 35.27 -3.88 -1.18
N VAL G 128 34.40 -3.33 -0.31
CA VAL G 128 33.27 -4.11 0.19
C VAL G 128 32.26 -4.38 -0.92
N LYS G 129 32.11 -3.45 -1.87
CA LYS G 129 31.28 -3.72 -3.03
C LYS G 129 31.83 -4.89 -3.84
N GLN G 130 33.14 -5.11 -3.80
CA GLN G 130 33.72 -6.24 -4.50
C GLN G 130 33.29 -7.57 -3.90
N TYR G 131 32.98 -7.59 -2.59
CA TYR G 131 32.55 -8.82 -1.94
C TYR G 131 31.21 -9.32 -2.48
N ILE G 132 30.39 -8.44 -3.05
CA ILE G 132 29.03 -8.75 -3.43
C ILE G 132 28.90 -8.63 -4.95
N GLU G 133 28.09 -9.51 -5.54
CA GLU G 133 27.72 -9.41 -6.95
C GLU G 133 26.32 -8.82 -7.00
N ASN G 134 26.24 -7.51 -7.20
CA ASN G 134 24.96 -6.81 -7.15
C ASN G 134 23.98 -7.41 -8.16
N GLN G 135 22.74 -7.61 -7.72
CA GLN G 135 21.71 -8.24 -8.54
C GLN G 135 20.51 -7.33 -8.78
N GLN G 136 20.65 -6.03 -8.51
CA GLN G 136 19.55 -5.11 -8.69
C GLN G 136 20.12 -3.71 -8.88
N ASN G 137 19.23 -2.74 -8.99
CA ASN G 137 19.61 -1.33 -9.09
C ASN G 137 19.68 -0.69 -7.71
N LEU H 10 28.48 11.19 -0.88
CA LEU H 10 27.37 12.11 -0.66
C LEU H 10 26.71 11.82 0.69
N TYR H 11 26.08 12.83 1.27
CA TYR H 11 25.51 12.75 2.60
C TYR H 11 24.02 13.03 2.55
N LYS H 12 23.29 12.41 3.48
CA LYS H 12 21.87 12.59 3.66
C LYS H 12 21.61 13.28 4.99
N SER H 13 20.33 13.55 5.26
CA SER H 13 19.96 14.21 6.50
C SER H 13 18.52 13.90 6.85
N ASN H 14 18.26 13.73 8.15
CA ASN H 14 16.91 13.83 8.67
C ASN H 14 16.76 15.19 9.36
N HIS H 15 15.81 15.30 10.29
CA HIS H 15 15.56 16.60 10.93
C HIS H 15 16.77 17.08 11.72
N ASN H 16 17.58 16.16 12.24
CA ASN H 16 18.63 16.53 13.17
C ASN H 16 20.02 15.99 12.85
N VAL H 17 20.16 15.01 11.96
CA VAL H 17 21.43 14.34 11.74
C VAL H 17 21.80 14.42 10.27
N VAL H 18 23.05 14.80 10.00
CA VAL H 18 23.67 14.64 8.69
C VAL H 18 24.49 13.36 8.73
N TYR H 19 24.22 12.43 7.82
CA TYR H 19 24.77 11.10 8.00
C TYR H 19 25.09 10.43 6.67
N SER H 20 26.02 9.48 6.75
CA SER H 20 26.20 8.42 5.76
C SER H 20 26.41 7.13 6.54
N CYS H 21 25.40 6.27 6.60
CA CYS H 21 25.44 5.06 7.41
C CYS H 21 25.18 3.85 6.53
N LYS H 22 26.26 3.31 5.97
CA LYS H 22 26.19 2.15 5.09
C LYS H 22 26.55 0.88 5.87
N TYR H 23 25.71 -0.14 5.75
CA TYR H 23 25.90 -1.40 6.46
C TYR H 23 25.98 -2.55 5.46
N HIS H 24 26.89 -3.49 5.69
CA HIS H 24 26.91 -4.75 4.98
C HIS H 24 26.21 -5.79 5.85
N ILE H 25 25.03 -6.21 5.43
CA ILE H 25 24.18 -7.12 6.20
C ILE H 25 24.15 -8.47 5.51
N VAL H 26 24.33 -9.54 6.29
CA VAL H 26 24.25 -10.91 5.81
C VAL H 26 23.43 -11.71 6.80
N TRP H 27 22.47 -12.49 6.30
CA TRP H 27 21.76 -13.45 7.13
C TRP H 27 21.42 -14.67 6.28
N CYS H 28 21.04 -15.75 6.96
CA CYS H 28 20.89 -17.05 6.31
C CYS H 28 19.57 -17.69 6.68
N PRO H 29 19.06 -18.57 5.82
CA PRO H 29 17.85 -19.32 6.19
C PRO H 29 18.10 -20.22 7.40
N LYS H 30 17.00 -20.68 7.99
CA LYS H 30 17.08 -21.63 9.08
C LYS H 30 17.83 -22.88 8.64
N TYR H 31 18.71 -23.38 9.51
CA TYR H 31 19.56 -24.55 9.26
C TYR H 31 20.51 -24.35 8.10
N ARG H 32 20.65 -23.11 7.61
CA ARG H 32 21.43 -22.79 6.42
C ARG H 32 21.00 -23.65 5.21
N ARG H 33 19.69 -23.80 5.05
CA ARG H 33 19.15 -24.51 3.90
CA ARG H 33 19.15 -24.51 3.90
C ARG H 33 19.33 -23.67 2.62
N LYS H 34 19.72 -24.33 1.55
CA LYS H 34 19.92 -23.66 0.26
C LYS H 34 18.58 -23.40 -0.42
N VAL H 35 17.70 -22.69 0.29
CA VAL H 35 16.34 -22.44 -0.20
C VAL H 35 16.21 -21.15 -1.00
N LEU H 36 17.23 -20.29 -0.99
CA LEU H 36 17.16 -19.01 -1.70
C LEU H 36 17.53 -19.22 -3.17
N VAL H 37 16.67 -19.95 -3.87
CA VAL H 37 16.85 -20.25 -5.28
C VAL H 37 15.49 -20.14 -5.98
N GLY H 38 15.55 -19.93 -7.29
CA GLY H 38 14.33 -19.93 -8.09
C GLY H 38 13.38 -18.82 -7.71
N ALA H 39 12.10 -19.17 -7.58
CA ALA H 39 11.07 -18.17 -7.31
C ALA H 39 11.24 -17.56 -5.92
N VAL H 40 11.65 -18.36 -4.94
CA VAL H 40 11.88 -17.83 -3.59
C VAL H 40 12.91 -16.71 -3.64
N GLU H 41 14.00 -16.92 -4.39
CA GLU H 41 15.03 -15.91 -4.51
C GLU H 41 14.48 -14.62 -5.10
N MET H 42 13.79 -14.72 -6.23
CA MET H 42 13.24 -13.52 -6.87
C MET H 42 12.18 -12.87 -5.98
N ARG H 43 11.32 -13.68 -5.36
CA ARG H 43 10.28 -13.13 -4.51
C ARG H 43 10.86 -12.49 -3.26
N LEU H 44 11.94 -13.04 -2.74
CA LEU H 44 12.57 -12.46 -1.55
C LEU H 44 13.13 -11.08 -1.85
N LYS H 45 13.91 -10.96 -2.93
CA LYS H 45 14.43 -9.66 -3.31
C LYS H 45 13.33 -8.67 -3.61
N GLU H 46 12.21 -9.15 -4.16
CA GLU H 46 11.03 -8.31 -4.33
C GLU H 46 10.60 -7.69 -3.00
N ILE H 47 10.30 -8.54 -2.03
CA ILE H 47 9.78 -8.08 -0.74
C ILE H 47 10.73 -7.09 -0.09
N ILE H 48 12.03 -7.36 -0.17
CA ILE H 48 13.00 -6.48 0.48
C ILE H 48 13.08 -5.13 -0.24
N GLN H 49 12.90 -5.13 -1.57
CA GLN H 49 12.86 -3.87 -2.31
C GLN H 49 11.71 -2.99 -1.83
N GLU H 50 10.52 -3.58 -1.67
CA GLU H 50 9.37 -2.80 -1.22
C GLU H 50 9.51 -2.40 0.24
N VAL H 51 10.17 -3.22 1.05
CA VAL H 51 10.39 -2.86 2.45
C VAL H 51 11.35 -1.68 2.53
N ALA H 52 12.45 -1.73 1.77
CA ALA H 52 13.42 -0.64 1.79
C ALA H 52 12.79 0.66 1.29
N LYS H 53 12.06 0.58 0.17
CA LYS H 53 11.37 1.76 -0.35
C LYS H 53 10.41 2.33 0.69
N GLU H 54 9.61 1.45 1.31
CA GLU H 54 8.66 1.88 2.33
C GLU H 54 9.38 2.44 3.55
N LEU H 55 10.53 1.88 3.89
CA LEU H 55 11.28 2.27 5.09
C LEU H 55 12.38 3.29 4.81
N ARG H 56 12.37 3.91 3.63
CA ARG H 56 13.31 4.96 3.28
C ARG H 56 14.77 4.49 3.34
N VAL H 57 15.00 3.22 3.01
CA VAL H 57 16.34 2.64 3.02
C VAL H 57 16.81 2.47 1.58
N GLU H 58 18.05 2.89 1.31
CA GLU H 58 18.64 2.79 -0.01
C GLU H 58 19.44 1.50 -0.08
N ILE H 59 19.02 0.59 -0.96
CA ILE H 59 19.73 -0.66 -1.19
C ILE H 59 20.80 -0.41 -2.24
N ILE H 60 22.06 -0.38 -1.80
CA ILE H 60 23.17 -0.18 -2.73
C ILE H 60 23.43 -1.45 -3.54
N GLU H 61 23.62 -2.57 -2.85
CA GLU H 61 23.79 -3.87 -3.51
C GLU H 61 23.03 -4.92 -2.73
N MET H 62 22.56 -5.94 -3.44
CA MET H 62 21.84 -7.05 -2.82
C MET H 62 22.06 -8.29 -3.66
N GLN H 63 22.59 -9.35 -3.04
CA GLN H 63 22.84 -10.60 -3.73
C GLN H 63 22.40 -11.77 -2.87
N THR H 64 21.70 -12.73 -3.48
CA THR H 64 21.38 -13.99 -2.84
C THR H 64 22.26 -15.09 -3.45
N ASP H 65 22.74 -16.00 -2.60
CA ASP H 65 23.56 -17.12 -3.04
C ASP H 65 23.12 -18.37 -2.28
N LYS H 66 21.92 -18.85 -2.62
CA LYS H 66 21.40 -20.14 -2.16
C LYS H 66 21.13 -20.19 -0.66
N ASP H 67 22.18 -20.02 0.17
CA ASP H 67 22.03 -20.17 1.61
C ASP H 67 22.37 -18.90 2.39
N HIS H 68 22.49 -17.76 1.72
CA HIS H 68 22.72 -16.50 2.41
C HIS H 68 22.40 -15.36 1.45
N ILE H 69 22.29 -14.16 2.01
CA ILE H 69 21.99 -12.97 1.22
C ILE H 69 22.85 -11.82 1.72
N HIS H 70 23.56 -11.17 0.80
CA HIS H 70 24.27 -9.93 1.09
C HIS H 70 23.36 -8.75 0.81
N ILE H 71 23.34 -7.78 1.71
CA ILE H 71 22.67 -6.50 1.50
C ILE H 71 23.62 -5.39 1.93
N LEU H 72 23.86 -4.45 1.04
CA LEU H 72 24.59 -3.22 1.36
C LEU H 72 23.58 -2.09 1.28
N ALA H 73 23.27 -1.49 2.42
CA ALA H 73 22.20 -0.51 2.52
C ALA H 73 22.66 0.71 3.29
N ASP H 74 22.10 1.86 2.90
CA ASP H 74 22.29 3.11 3.62
C ASP H 74 21.03 3.35 4.44
N ILE H 75 21.16 3.28 5.77
CA ILE H 75 20.03 3.33 6.67
C ILE H 75 20.18 4.55 7.58
N ASP H 76 19.09 5.26 7.79
CA ASP H 76 19.04 6.35 8.75
C ASP H 76 19.47 5.85 10.12
N PRO H 77 20.53 6.42 10.71
CA PRO H 77 21.02 5.88 11.99
C PRO H 77 20.03 6.05 13.12
N SER H 78 19.18 7.08 13.06
CA SER H 78 18.15 7.24 14.08
C SER H 78 17.05 6.20 13.92
N PHE H 79 16.75 5.83 12.68
CA PHE H 79 15.77 4.75 12.43
C PHE H 79 16.26 3.43 13.01
N GLY H 80 17.53 3.11 12.80
CA GLY H 80 18.09 1.90 13.35
C GLY H 80 18.26 0.80 12.33
N VAL H 81 19.48 0.28 12.17
CA VAL H 81 19.72 -0.81 11.23
C VAL H 81 18.89 -2.04 11.62
N MET H 82 18.68 -2.24 12.92
CA MET H 82 17.97 -3.43 13.37
C MET H 82 16.49 -3.37 13.00
N LYS H 83 15.92 -2.17 12.95
CA LYS H 83 14.51 -2.05 12.53
C LYS H 83 14.34 -2.43 11.07
N PHE H 84 15.30 -2.09 10.23
CA PHE H 84 15.25 -2.53 8.84
C PHE H 84 15.42 -4.03 8.72
N ILE H 85 16.34 -4.60 9.52
CA ILE H 85 16.56 -6.04 9.50
C ILE H 85 15.33 -6.78 10.02
N LYS H 86 14.80 -6.32 11.16
CA LYS H 86 13.62 -6.96 11.74
C LYS H 86 12.45 -6.96 10.76
N THR H 87 12.28 -5.87 10.01
CA THR H 87 11.15 -5.79 9.09
C THR H 87 11.41 -6.62 7.84
N ALA H 88 12.62 -6.53 7.28
CA ALA H 88 12.92 -7.26 6.06
C ALA H 88 12.85 -8.77 6.27
N LYS H 89 13.43 -9.26 7.37
CA LYS H 89 13.38 -10.68 7.65
C LYS H 89 11.98 -11.12 8.06
N GLY H 90 11.33 -10.35 8.93
CA GLY H 90 10.03 -10.77 9.45
C GLY H 90 8.96 -10.82 8.38
N ARG H 91 8.83 -9.74 7.61
CA ARG H 91 7.78 -9.69 6.59
C ARG H 91 8.03 -10.72 5.50
N SER H 92 9.28 -10.82 5.04
CA SER H 92 9.60 -11.79 3.98
C SER H 92 9.31 -13.21 4.46
N SER H 93 9.62 -13.52 5.72
CA SER H 93 9.31 -14.84 6.25
C SER H 93 7.81 -15.09 6.26
N ARG H 94 7.03 -14.08 6.66
CA ARG H 94 5.58 -14.20 6.66
C ARG H 94 5.04 -14.46 5.25
N ILE H 95 5.45 -13.63 4.29
CA ILE H 95 4.86 -13.70 2.96
C ILE H 95 5.35 -14.93 2.21
N LEU H 96 6.66 -15.21 2.27
CA LEU H 96 7.20 -16.35 1.54
C LEU H 96 6.64 -17.67 2.06
N ARG H 97 6.44 -17.78 3.38
CA ARG H 97 5.85 -19.00 3.93
C ARG H 97 4.36 -19.11 3.64
N GLN H 98 3.70 -18.03 3.24
CA GLN H 98 2.34 -18.12 2.73
C GLN H 98 2.31 -18.60 1.28
N GLU H 99 3.29 -18.18 0.48
CA GLU H 99 3.29 -18.46 -0.94
C GLU H 99 4.08 -19.72 -1.31
N PHE H 100 4.91 -20.23 -0.41
CA PHE H 100 5.73 -21.42 -0.68
C PHE H 100 5.46 -22.45 0.42
N ASN H 101 4.83 -23.56 0.03
CA ASN H 101 4.44 -24.57 1.00
C ASN H 101 5.66 -25.20 1.67
N HIS H 102 6.74 -25.42 0.91
CA HIS H 102 7.90 -26.11 1.45
C HIS H 102 8.59 -25.28 2.52
N LEU H 103 8.60 -23.95 2.38
CA LEU H 103 9.19 -23.09 3.40
C LEU H 103 8.38 -23.08 4.68
N LYS H 104 7.11 -23.47 4.62
CA LYS H 104 6.23 -23.48 5.78
C LYS H 104 6.20 -24.83 6.47
N THR H 105 6.28 -25.92 5.72
CA THR H 105 6.13 -27.26 6.27
C THR H 105 7.46 -27.95 6.59
N LYS H 106 8.55 -27.55 5.94
CA LYS H 106 9.86 -28.14 6.20
C LYS H 106 10.73 -27.31 7.13
N LEU H 107 10.20 -26.20 7.67
CA LEU H 107 10.98 -25.31 8.52
C LEU H 107 10.07 -24.75 9.60
N PRO H 108 10.56 -24.60 10.84
CA PRO H 108 9.74 -23.94 11.86
C PRO H 108 9.68 -22.45 11.65
N THR H 109 10.75 -21.85 11.16
CA THR H 109 10.81 -20.46 10.73
C THR H 109 11.64 -20.39 9.46
N LEU H 110 11.57 -19.26 8.77
CA LEU H 110 12.38 -19.12 7.57
C LEU H 110 13.81 -18.73 7.89
N TRP H 111 13.99 -17.82 8.84
CA TRP H 111 15.30 -17.29 9.18
C TRP H 111 15.71 -17.74 10.57
N THR H 112 16.95 -17.41 10.93
CA THR H 112 17.43 -17.56 12.28
C THR H 112 17.17 -16.27 13.05
N ASN H 113 17.52 -16.27 14.34
CA ASN H 113 17.45 -15.08 15.15
C ASN H 113 18.69 -14.20 15.00
N SER H 114 19.57 -14.51 14.05
CA SER H 114 20.89 -13.92 13.99
C SER H 114 21.16 -13.32 12.61
N CYS H 115 22.20 -12.49 12.55
CA CYS H 115 22.62 -11.85 11.31
C CYS H 115 24.03 -11.30 11.52
N PHE H 116 24.64 -10.86 10.42
CA PHE H 116 25.95 -10.24 10.42
C PHE H 116 25.82 -8.80 9.92
N ILE H 117 26.45 -7.87 10.64
CA ILE H 117 26.37 -6.45 10.32
C ILE H 117 27.79 -5.87 10.37
N SER H 118 28.20 -5.21 9.29
CA SER H 118 29.51 -4.58 9.24
C SER H 118 29.37 -3.22 8.59
N THR H 119 29.73 -2.17 9.32
CA THR H 119 29.68 -0.82 8.77
C THR H 119 30.80 -0.61 7.75
N VAL H 120 30.57 0.33 6.83
CA VAL H 120 31.53 0.63 5.77
C VAL H 120 31.40 2.10 5.41
N GLY H 121 32.52 2.69 4.99
CA GLY H 121 32.54 4.05 4.53
C GLY H 121 33.44 4.23 3.32
N GLY H 122 33.66 5.48 2.91
CA GLY H 122 34.52 5.73 1.76
C GLY H 122 35.95 5.33 2.01
N ALA H 123 36.48 5.67 3.17
CA ALA H 123 37.86 5.38 3.54
C ALA H 123 37.92 4.22 4.53
N PRO H 124 39.02 3.49 4.56
CA PRO H 124 39.17 2.43 5.57
C PRO H 124 39.39 3.02 6.96
N LEU H 125 39.34 2.13 7.95
CA LEU H 125 39.35 2.56 9.35
C LEU H 125 40.64 3.30 9.70
N ASN H 126 41.79 2.73 9.33
CA ASN H 126 43.06 3.32 9.72
C ASN H 126 43.26 4.69 9.09
N VAL H 127 42.74 4.90 7.88
CA VAL H 127 42.86 6.21 7.24
C VAL H 127 41.99 7.23 7.96
N VAL H 128 40.76 6.85 8.31
CA VAL H 128 39.88 7.75 9.06
C VAL H 128 40.46 8.01 10.44
N LYS H 129 40.98 6.97 11.09
CA LYS H 129 41.59 7.15 12.41
C LYS H 129 42.80 8.08 12.34
N GLN H 130 43.65 7.88 11.33
CA GLN H 130 44.81 8.74 11.17
C GLN H 130 44.41 10.18 10.89
N TYR H 131 43.35 10.37 10.09
CA TYR H 131 42.86 11.70 9.80
C TYR H 131 42.42 12.41 11.07
N ILE H 132 41.81 11.68 12.00
CA ILE H 132 41.26 12.30 13.20
C ILE H 132 42.39 12.73 14.14
N GLU H 133 43.36 11.84 14.38
CA GLU H 133 44.41 12.11 15.36
C GLU H 133 45.50 13.05 14.84
N ASN H 134 45.22 13.83 13.80
CA ASN H 134 46.14 14.85 13.32
C ASN H 134 45.47 16.21 13.26
CA CA M . -41.21 -15.40 -8.34
CA CA N . -13.08 -14.56 -23.46
CA CA O . -26.65 -6.42 9.17
CA CA P . -30.47 -19.24 3.82
CA CA Q . -19.71 17.48 -21.21
CA CA R . -20.67 9.48 -33.36
CA CA S . -11.33 -7.16 -30.03
CA CA T . 43.95 7.95 20.14
CA CA U . 29.66 -5.49 -6.48
CA CA V . 48.43 5.67 14.76
CA CA W . 14.03 20.82 14.00
CA CA X . 11.75 41.12 9.27
CA CA Y . 24.82 25.61 4.96
CA CA Z . 20.01 -16.80 22.55
CA CA AA . 31.06 -21.31 15.48
CA CA BA . 39.19 18.55 13.13
#